data_6KXX
#
_entry.id   6KXX
#
_cell.length_a   45.060
_cell.length_b   60.681
_cell.length_c   100.342
_cell.angle_alpha   90.000
_cell.angle_beta   90.000
_cell.angle_gamma   90.000
#
_symmetry.space_group_name_H-M   'P 21 21 21'
#
loop_
_entity.id
_entity.type
_entity.pdbx_description
1 polymer 'Peroxisome proliferator-activated receptor alpha'
2 polymer PGC1alpha
3 non-polymer '1-(4-chlorophenyl)-6-methyl-3-propan-2-yl-pyrazolo[3,4-b]pyridine-4-carboxylic acid'
4 water water
#
loop_
_entity_poly.entity_id
_entity_poly.type
_entity_poly.pdbx_seq_one_letter_code
_entity_poly.pdbx_strand_id
1 'polypeptide(L)'
;GGQTADLKSLAKRIYEAYLKNFNMNKVKARVILSGKASNNPPFVIHDMETLCMAEKTLVAKLVANGIQNKEAEVRIFHCC
QCTSVETVTELTEFAKAIPGFANLDLNDQVTLLKYGVYEAIFAMLSSVMNKDGMLVAYGNGFITREFLKSLRKPFCDIME
PKFDFAMKFNALELDDSDISLFVAAIICCGDRPGLLNVGHIEKMQEGIVHVLRLHLQSNHPDDIFLFPKLLQKMADLRQL
VTEHAQLVQIIKKTESDAALHPLLQEIYRDMY
;
A
2 'polypeptide(L)' PQEAEEPSLLKKLLLAPANTQL B
#
# COMPACT_ATOMS: atom_id res chain seq x y z
N SER A 9 -11.86 -0.54 23.58
CA SER A 9 -11.92 0.52 22.59
C SER A 9 -10.73 0.48 21.63
N LEU A 10 -10.01 -0.64 21.58
CA LEU A 10 -8.87 -0.76 20.67
C LEU A 10 -9.30 -0.63 19.21
N ALA A 11 -10.43 -1.24 18.85
CA ALA A 11 -10.89 -1.16 17.47
C ALA A 11 -11.10 0.30 17.04
N LYS A 12 -11.71 1.11 17.90
CA LYS A 12 -11.97 2.50 17.56
C LYS A 12 -10.68 3.30 17.47
N ARG A 13 -9.73 3.05 18.39
CA ARG A 13 -8.46 3.78 18.37
C ARG A 13 -7.71 3.52 17.07
N ILE A 14 -7.67 2.26 16.63
CA ILE A 14 -6.95 1.92 15.41
C ILE A 14 -7.65 2.52 14.19
N TYR A 15 -8.98 2.42 14.15
CA TYR A 15 -9.72 3.08 13.07
C TYR A 15 -9.46 4.59 13.07
N GLU A 16 -9.43 5.22 14.25
CA GLU A 16 -9.11 6.64 14.33
C GLU A 16 -7.71 6.94 13.81
N ALA A 17 -6.73 6.10 14.18
CA ALA A 17 -5.37 6.33 13.71
C ALA A 17 -5.25 6.16 12.20
N TYR A 18 -6.01 5.23 11.63
CA TYR A 18 -6.04 5.03 10.18
C TYR A 18 -6.60 6.26 9.46
N LEU A 19 -7.77 6.73 9.89
CA LEU A 19 -8.35 7.92 9.28
C LEU A 19 -7.44 9.12 9.42
N LYS A 20 -6.73 9.21 10.54
CA LYS A 20 -5.83 10.34 10.79
C LYS A 20 -4.63 10.31 9.86
N ASN A 21 -4.14 9.13 9.52
CA ASN A 21 -2.79 9.04 8.95
C ASN A 21 -2.76 8.81 7.44
N PHE A 22 -3.75 8.18 6.84
CA PHE A 22 -3.70 7.86 5.42
C PHE A 22 -4.48 8.88 4.60
N ASN A 23 -3.80 9.47 3.61
CA ASN A 23 -4.45 10.46 2.73
C ASN A 23 -5.58 9.83 1.94
N MET A 24 -5.49 8.55 1.66
CA MET A 24 -6.51 7.86 0.88
C MET A 24 -7.11 6.74 1.72
N ASN A 25 -8.43 6.60 1.61
CA ASN A 25 -9.15 5.50 2.25
C ASN A 25 -10.31 5.12 1.33
N LYS A 26 -11.06 4.10 1.74
CA LYS A 26 -12.02 3.53 0.82
C LYS A 26 -13.21 4.45 0.60
N VAL A 27 -13.62 5.19 1.62
CA VAL A 27 -14.70 6.16 1.47
C VAL A 27 -14.30 7.27 0.50
N LYS A 28 -13.13 7.85 0.71
CA LYS A 28 -12.66 8.90 -0.20
C LYS A 28 -12.49 8.35 -1.62
N ALA A 29 -12.00 7.12 -1.76
CA ALA A 29 -11.78 6.55 -3.09
C ALA A 29 -13.10 6.28 -3.81
N ARG A 30 -14.05 5.67 -3.12
CA ARG A 30 -15.31 5.33 -3.80
C ARG A 30 -16.08 6.59 -4.19
N VAL A 31 -15.89 7.68 -3.46
CA VAL A 31 -16.47 8.98 -3.88
C VAL A 31 -15.94 9.36 -5.26
N ILE A 32 -14.62 9.26 -5.47
CA ILE A 32 -14.04 9.64 -6.75
C ILE A 32 -14.39 8.61 -7.83
N LEU A 33 -14.32 7.33 -7.49
CA LEU A 33 -14.60 6.27 -8.46
C LEU A 33 -16.06 6.25 -8.90
N SER A 34 -16.97 6.79 -8.10
CA SER A 34 -18.39 6.81 -8.46
C SER A 34 -18.76 8.01 -9.32
N GLY A 35 -17.81 8.87 -9.64
CA GLY A 35 -18.10 10.04 -10.46
C GLY A 35 -18.65 11.23 -9.70
N LYS A 36 -18.34 11.36 -8.41
CA LYS A 36 -18.82 12.47 -7.60
C LYS A 36 -17.75 13.50 -7.26
N ALA A 37 -16.52 13.31 -7.75
CA ALA A 37 -15.47 14.31 -7.55
C ALA A 37 -15.77 15.57 -8.37
N SER A 38 -16.54 16.49 -7.78
CA SER A 38 -17.03 17.67 -8.47
C SER A 38 -15.87 18.55 -8.96
N ASN A 39 -15.15 19.16 -8.03
CA ASN A 39 -13.99 19.96 -8.37
C ASN A 39 -12.78 19.03 -8.53
N ASN A 40 -12.02 19.23 -9.60
CA ASN A 40 -10.84 18.44 -9.93
C ASN A 40 -11.16 16.95 -10.03
N PRO A 41 -12.03 16.52 -10.95
CA PRO A 41 -12.26 15.08 -11.15
C PRO A 41 -11.00 14.42 -11.69
N PRO A 42 -10.93 13.09 -11.70
CA PRO A 42 -9.70 12.43 -12.16
C PRO A 42 -9.51 12.54 -13.67
N PHE A 43 -8.25 12.73 -14.07
CA PHE A 43 -7.87 12.55 -15.47
C PHE A 43 -7.86 11.07 -15.80
N VAL A 44 -8.60 10.68 -16.83
CA VAL A 44 -8.59 9.28 -17.28
C VAL A 44 -7.40 9.07 -18.21
N ILE A 45 -6.56 8.09 -17.88
CA ILE A 45 -5.34 7.78 -18.60
C ILE A 45 -5.56 6.41 -19.23
N HIS A 46 -5.75 6.37 -20.55
CA HIS A 46 -6.01 5.11 -21.23
C HIS A 46 -5.11 4.84 -22.43
N ASP A 47 -4.25 5.78 -22.79
CA ASP A 47 -3.26 5.57 -23.84
C ASP A 47 -2.13 6.56 -23.62
N MET A 48 -1.17 6.56 -24.55
CA MET A 48 -0.03 7.45 -24.41
C MET A 48 -0.45 8.91 -24.49
N GLU A 49 -1.44 9.22 -25.34
CA GLU A 49 -1.91 10.60 -25.46
C GLU A 49 -2.46 11.12 -24.13
N THR A 50 -3.41 10.39 -23.55
CA THR A 50 -4.03 10.85 -22.31
C THR A 50 -3.06 10.78 -21.13
N LEU A 51 -2.04 9.92 -21.18
CA LEU A 51 -0.99 9.99 -20.17
C LEU A 51 -0.27 11.33 -20.23
N CYS A 52 0.17 11.72 -21.43
CA CYS A 52 0.87 12.99 -21.60
C CYS A 52 -0.02 14.18 -21.23
N MET A 53 -1.30 14.12 -21.64
CA MET A 53 -2.22 15.18 -21.25
C MET A 53 -2.35 15.28 -19.73
N ALA A 54 -2.46 14.15 -19.04
CA ALA A 54 -2.56 14.20 -17.59
C ALA A 54 -1.29 14.74 -16.96
N GLU A 55 -0.13 14.30 -17.44
CA GLU A 55 1.13 14.74 -16.87
C GLU A 55 1.34 16.24 -17.02
N LYS A 56 0.74 16.84 -18.06
CA LYS A 56 0.85 18.29 -18.26
C LYS A 56 0.37 19.07 -17.05
N THR A 57 -0.66 18.59 -16.36
CA THR A 57 -1.17 19.29 -15.19
C THR A 57 -0.74 18.69 -13.87
N LEU A 58 -0.45 17.38 -13.83
CA LEU A 58 -0.25 16.67 -12.58
C LEU A 58 1.21 16.49 -12.16
N VAL A 59 2.18 16.74 -13.04
CA VAL A 59 3.58 16.57 -12.68
C VAL A 59 4.36 17.84 -13.00
N ALA A 60 5.23 18.23 -12.08
CA ALA A 60 6.05 19.41 -12.28
C ALA A 60 7.12 19.16 -13.35
N LYS A 61 7.39 20.18 -14.15
CA LYS A 61 8.32 20.08 -15.28
C LYS A 61 9.62 20.77 -14.89
N LEU A 62 10.55 20.00 -14.33
CA LEU A 62 11.87 20.54 -14.02
C LEU A 62 12.66 20.77 -15.30
N VAL A 63 13.74 21.53 -15.18
CA VAL A 63 14.52 21.95 -16.35
C VAL A 63 15.59 20.91 -16.71
N ALA A 64 16.27 20.33 -15.72
CA ALA A 64 17.32 19.36 -15.97
C ALA A 64 17.07 18.03 -15.26
N ASN A 65 16.75 18.07 -13.98
CA ASN A 65 16.47 16.86 -13.22
C ASN A 65 15.04 16.39 -13.45
N GLY A 66 14.65 16.21 -14.72
CA GLY A 66 13.26 15.97 -15.04
C GLY A 66 12.92 14.58 -15.55
N ILE A 67 11.65 14.19 -15.37
CA ILE A 67 11.13 12.94 -15.92
C ILE A 67 10.39 13.16 -17.22
N GLN A 68 10.43 14.39 -17.78
CA GLN A 68 9.57 14.77 -18.90
C GLN A 68 9.80 13.86 -20.10
N ASN A 69 11.05 13.70 -20.53
CA ASN A 69 11.36 12.93 -21.72
C ASN A 69 11.94 11.56 -21.41
N LYS A 70 11.72 11.05 -20.19
CA LYS A 70 11.96 9.65 -19.94
C LYS A 70 10.85 8.80 -20.56
N GLU A 71 11.12 7.50 -20.66
CA GLU A 71 10.15 6.56 -21.21
C GLU A 71 8.87 6.56 -20.37
N ALA A 72 7.73 6.37 -21.05
CA ALA A 72 6.45 6.38 -20.37
C ALA A 72 6.42 5.43 -19.19
N GLU A 73 6.92 4.21 -19.38
CA GLU A 73 6.96 3.24 -18.30
C GLU A 73 7.73 3.76 -17.10
N VAL A 74 8.79 4.53 -17.33
CA VAL A 74 9.62 5.05 -16.27
C VAL A 74 8.94 6.22 -15.57
N ARG A 75 8.21 7.04 -16.33
CA ARG A 75 7.44 8.12 -15.71
C ARG A 75 6.38 7.56 -14.78
N ILE A 76 5.71 6.48 -15.18
CA ILE A 76 4.73 5.84 -14.31
C ILE A 76 5.40 5.22 -13.09
N PHE A 77 6.54 4.55 -13.30
CA PHE A 77 7.35 4.05 -12.19
C PHE A 77 7.62 5.15 -11.15
N HIS A 78 8.07 6.32 -11.59
CA HIS A 78 8.40 7.38 -10.63
C HIS A 78 7.16 7.85 -9.87
N CYS A 79 6.03 8.04 -10.56
CA CYS A 79 4.79 8.40 -9.88
C CYS A 79 4.39 7.35 -8.86
N CYS A 80 4.47 6.07 -9.25
CA CYS A 80 4.03 5.00 -8.36
C CYS A 80 4.94 4.88 -7.15
N GLN A 81 6.26 4.95 -7.34
CA GLN A 81 7.17 4.76 -6.21
C GLN A 81 7.11 5.95 -5.26
N CYS A 82 6.89 7.17 -5.77
CA CYS A 82 6.73 8.31 -4.87
C CYS A 82 5.46 8.19 -4.02
N THR A 83 4.37 7.69 -4.60
CA THR A 83 3.19 7.42 -3.79
C THR A 83 3.50 6.38 -2.70
N SER A 84 4.24 5.33 -3.06
CA SER A 84 4.62 4.31 -2.07
C SER A 84 5.48 4.90 -0.95
N VAL A 85 6.41 5.78 -1.30
CA VAL A 85 7.23 6.42 -0.27
C VAL A 85 6.36 7.15 0.74
N GLU A 86 5.33 7.85 0.26
CA GLU A 86 4.45 8.57 1.17
C GLU A 86 3.60 7.60 1.99
N THR A 87 3.13 6.51 1.37
CA THR A 87 2.35 5.53 2.12
C THR A 87 3.18 4.86 3.21
N VAL A 88 4.45 4.54 2.90
CA VAL A 88 5.36 4.05 3.92
C VAL A 88 5.45 5.03 5.07
N THR A 89 5.62 6.31 4.74
CA THR A 89 5.65 7.34 5.78
C THR A 89 4.38 7.34 6.61
N GLU A 90 3.22 7.24 5.94
CA GLU A 90 1.95 7.22 6.67
C GLU A 90 1.81 5.95 7.49
N LEU A 91 2.24 4.82 6.94
CA LEU A 91 2.16 3.56 7.68
C LEU A 91 3.02 3.60 8.93
N THR A 92 4.18 4.27 8.87
CA THR A 92 5.02 4.39 10.05
C THR A 92 4.31 5.16 11.16
N GLU A 93 3.68 6.27 10.80
CA GLU A 93 2.93 7.05 11.78
C GLU A 93 1.74 6.24 12.31
N PHE A 94 1.09 5.49 11.42
CA PHE A 94 0.00 4.62 11.86
C PHE A 94 0.51 3.58 12.86
N ALA A 95 1.63 2.93 12.57
CA ALA A 95 2.15 1.93 13.49
C ALA A 95 2.39 2.52 14.88
N LYS A 96 2.96 3.71 14.93
CA LYS A 96 3.25 4.35 16.22
C LYS A 96 1.99 4.54 17.06
N ALA A 97 0.83 4.66 16.42
CA ALA A 97 -0.42 4.82 17.15
C ALA A 97 -1.01 3.50 17.59
N ILE A 98 -0.47 2.38 17.14
CA ILE A 98 -0.93 1.06 17.60
C ILE A 98 -0.44 0.85 19.02
N PRO A 99 -1.32 0.60 19.99
CA PRO A 99 -0.86 0.47 21.38
C PRO A 99 0.09 -0.70 21.53
N GLY A 100 1.25 -0.41 22.13
CA GLY A 100 2.31 -1.37 22.30
C GLY A 100 3.42 -1.26 21.29
N PHE A 101 3.16 -0.68 20.12
CA PHE A 101 4.17 -0.65 19.08
C PHE A 101 5.35 0.22 19.49
N ALA A 102 5.07 1.39 20.06
CA ALA A 102 6.13 2.33 20.39
C ALA A 102 7.05 1.82 21.50
N ASN A 103 6.58 0.89 22.34
CA ASN A 103 7.44 0.34 23.38
C ASN A 103 8.32 -0.80 22.90
N LEU A 104 8.16 -1.26 21.65
CA LEU A 104 9.07 -2.25 21.12
C LEU A 104 10.46 -1.65 20.96
N ASP A 105 11.47 -2.51 20.97
CA ASP A 105 12.81 -2.07 20.63
C ASP A 105 12.84 -1.53 19.22
N LEU A 106 13.72 -0.55 18.98
CA LEU A 106 13.73 0.13 17.70
C LEU A 106 13.97 -0.83 16.54
N ASN A 107 14.89 -1.79 16.71
CA ASN A 107 15.19 -2.71 15.63
C ASN A 107 13.99 -3.60 15.29
N ASP A 108 13.17 -3.94 16.29
CA ASP A 108 11.96 -4.70 16.00
C ASP A 108 10.93 -3.85 15.27
N GLN A 109 10.83 -2.56 15.64
CA GLN A 109 9.95 -1.66 14.90
C GLN A 109 10.32 -1.62 13.42
N VAL A 110 11.63 -1.51 13.14
CA VAL A 110 12.11 -1.52 11.76
C VAL A 110 11.73 -2.82 11.06
N THR A 111 11.95 -3.96 11.71
CA THR A 111 11.70 -5.24 11.06
C THR A 111 10.23 -5.39 10.71
N LEU A 112 9.34 -5.06 11.64
CA LEU A 112 7.91 -5.15 11.39
C LEU A 112 7.50 -4.27 10.22
N LEU A 113 7.98 -3.01 10.20
CA LEU A 113 7.66 -2.13 9.09
C LEU A 113 8.29 -2.62 7.81
N LYS A 114 9.53 -3.10 7.89
CA LYS A 114 10.23 -3.58 6.70
C LYS A 114 9.43 -4.64 5.94
N TYR A 115 8.95 -5.65 6.65
CA TYR A 115 8.22 -6.73 6.01
C TYR A 115 6.73 -6.44 5.87
N GLY A 116 6.17 -5.61 6.75
CA GLY A 116 4.75 -5.31 6.70
C GLY A 116 4.28 -4.28 5.68
N VAL A 117 5.09 -3.26 5.35
CA VAL A 117 4.51 -2.09 4.68
C VAL A 117 3.93 -2.46 3.32
N TYR A 118 4.58 -3.34 2.58
CA TYR A 118 4.06 -3.62 1.25
C TYR A 118 2.85 -4.55 1.26
N GLU A 119 2.74 -5.44 2.25
CA GLU A 119 1.49 -6.19 2.38
C GLU A 119 0.34 -5.24 2.68
N ALA A 120 0.57 -4.27 3.57
CA ALA A 120 -0.43 -3.26 3.84
C ALA A 120 -0.69 -2.37 2.62
N ILE A 121 0.38 -2.00 1.89
CA ILE A 121 0.21 -1.14 0.72
C ILE A 121 -0.70 -1.79 -0.31
N PHE A 122 -0.49 -3.06 -0.61
CA PHE A 122 -1.30 -3.71 -1.64
C PHE A 122 -2.68 -4.06 -1.13
N ALA A 123 -2.82 -4.29 0.17
CA ALA A 123 -4.16 -4.41 0.75
C ALA A 123 -4.94 -3.11 0.59
N MET A 124 -4.34 -1.99 0.98
CA MET A 124 -5.02 -0.70 0.92
C MET A 124 -5.19 -0.22 -0.52
N LEU A 125 -4.26 -0.59 -1.41
CA LEU A 125 -4.39 -0.23 -2.82
C LEU A 125 -5.68 -0.77 -3.42
N SER A 126 -6.18 -1.90 -2.91
CA SER A 126 -7.45 -2.43 -3.42
C SER A 126 -8.56 -1.40 -3.33
N SER A 127 -8.50 -0.53 -2.33
CA SER A 127 -9.55 0.46 -2.13
C SER A 127 -9.64 1.47 -3.28
N VAL A 128 -8.55 1.70 -4.01
CA VAL A 128 -8.57 2.64 -5.12
C VAL A 128 -8.66 1.91 -6.47
N MET A 129 -8.91 0.60 -6.47
CA MET A 129 -8.97 -0.20 -7.69
C MET A 129 -10.38 -0.70 -7.94
N ASN A 130 -10.79 -0.72 -9.21
CA ASN A 130 -11.95 -1.50 -9.62
C ASN A 130 -11.52 -2.39 -10.78
N LYS A 131 -12.47 -3.06 -11.43
CA LYS A 131 -12.07 -3.98 -12.49
C LYS A 131 -11.42 -3.27 -13.68
N ASP A 132 -11.67 -1.97 -13.88
CA ASP A 132 -11.19 -1.25 -15.06
C ASP A 132 -9.89 -0.49 -14.85
N GLY A 133 -9.51 -0.20 -13.60
CA GLY A 133 -8.31 0.58 -13.38
C GLY A 133 -8.21 1.04 -11.95
N MET A 134 -7.32 2.00 -11.72
CA MET A 134 -6.99 2.44 -10.38
C MET A 134 -6.73 3.93 -10.33
N LEU A 135 -7.08 4.54 -9.20
CA LEU A 135 -6.72 5.93 -8.95
C LEU A 135 -5.23 6.06 -8.76
N VAL A 136 -4.69 7.19 -9.20
CA VAL A 136 -3.29 7.56 -9.01
C VAL A 136 -3.22 9.04 -8.69
N ALA A 137 -2.05 9.50 -8.27
CA ALA A 137 -1.77 10.92 -8.07
C ALA A 137 -2.79 11.56 -7.14
N TYR A 138 -2.96 10.94 -5.96
CA TYR A 138 -3.79 11.51 -4.88
C TYR A 138 -5.23 11.74 -5.35
N GLY A 139 -5.74 10.76 -6.09
CA GLY A 139 -7.11 10.79 -6.58
C GLY A 139 -7.34 11.60 -7.83
N ASN A 140 -6.29 12.18 -8.43
CA ASN A 140 -6.46 13.07 -9.57
C ASN A 140 -6.23 12.41 -10.91
N GLY A 141 -5.83 11.14 -10.94
CA GLY A 141 -5.74 10.40 -12.18
C GLY A 141 -6.35 9.02 -12.02
N PHE A 142 -6.86 8.48 -13.12
CA PHE A 142 -7.40 7.12 -13.15
C PHE A 142 -6.81 6.43 -14.37
N ILE A 143 -5.94 5.45 -14.13
CA ILE A 143 -5.18 4.80 -15.19
C ILE A 143 -5.77 3.42 -15.42
N THR A 144 -6.15 3.12 -16.67
CA THR A 144 -6.89 1.90 -16.94
C THR A 144 -6.00 0.67 -16.84
N ARG A 145 -6.63 -0.44 -16.45
CA ARG A 145 -5.93 -1.71 -16.34
C ARG A 145 -5.38 -2.18 -17.68
N GLU A 146 -6.14 -1.96 -18.77
CA GLU A 146 -5.70 -2.39 -20.09
C GLU A 146 -4.47 -1.61 -20.52
N PHE A 147 -4.44 -0.30 -20.23
CA PHE A 147 -3.28 0.50 -20.63
C PHE A 147 -2.00 0.02 -19.96
N LEU A 148 -2.08 -0.28 -18.65
CA LEU A 148 -0.91 -0.81 -17.96
C LEU A 148 -0.42 -2.11 -18.61
N LYS A 149 -1.33 -3.00 -18.97
CA LYS A 149 -0.93 -4.24 -19.62
C LYS A 149 -0.32 -4.01 -21.00
N SER A 150 -0.65 -2.90 -21.66
CA SER A 150 -0.13 -2.63 -23.00
C SER A 150 1.31 -2.12 -22.98
N LEU A 151 1.87 -1.81 -21.82
CA LEU A 151 3.24 -1.32 -21.78
C LEU A 151 4.21 -2.48 -21.98
N ARG A 152 5.50 -2.16 -21.99
CA ARG A 152 6.53 -3.16 -22.28
C ARG A 152 7.02 -3.84 -21.01
N LYS A 153 7.49 -5.07 -21.15
CA LYS A 153 8.10 -5.78 -20.04
C LYS A 153 9.30 -5.00 -19.51
N PRO A 154 9.58 -5.07 -18.21
CA PRO A 154 8.80 -5.83 -17.21
C PRO A 154 7.71 -4.99 -16.53
N PHE A 155 7.50 -3.77 -17.02
CA PHE A 155 6.60 -2.84 -16.35
C PHE A 155 5.13 -3.25 -16.49
N CYS A 156 4.78 -3.95 -17.57
CA CYS A 156 3.40 -4.39 -17.77
C CYS A 156 3.04 -5.57 -16.87
N ASP A 157 4.00 -6.15 -16.18
CA ASP A 157 3.75 -7.32 -15.33
C ASP A 157 3.59 -6.94 -13.86
N ILE A 158 3.76 -5.68 -13.52
CA ILE A 158 3.76 -5.30 -12.11
C ILE A 158 2.35 -5.26 -11.54
N MET A 159 1.43 -4.56 -12.20
CA MET A 159 0.15 -4.27 -11.55
C MET A 159 -0.87 -5.39 -11.69
N GLU A 160 -0.78 -6.22 -12.73
CA GLU A 160 -1.82 -7.23 -12.95
C GLU A 160 -2.05 -8.13 -11.75
N PRO A 161 -1.03 -8.69 -11.08
CA PRO A 161 -1.33 -9.49 -9.87
C PRO A 161 -1.97 -8.69 -8.77
N LYS A 162 -1.74 -7.38 -8.73
CA LYS A 162 -2.35 -6.54 -7.70
C LYS A 162 -3.83 -6.32 -8.00
N PHE A 163 -4.17 -6.13 -9.29
CA PHE A 163 -5.57 -6.05 -9.67
C PHE A 163 -6.29 -7.36 -9.36
N ASP A 164 -5.63 -8.49 -9.63
CA ASP A 164 -6.24 -9.79 -9.33
C ASP A 164 -6.51 -9.95 -7.84
N PHE A 165 -5.54 -9.61 -7.01
CA PHE A 165 -5.76 -9.67 -5.56
C PHE A 165 -6.89 -8.76 -5.17
N ALA A 166 -6.91 -7.54 -5.72
CA ALA A 166 -7.88 -6.53 -5.29
C ALA A 166 -9.31 -6.92 -5.65
N MET A 167 -9.51 -7.59 -6.78
CA MET A 167 -10.86 -7.98 -7.17
C MET A 167 -11.47 -8.94 -6.15
N LYS A 168 -10.69 -9.93 -5.70
CA LYS A 168 -11.21 -10.87 -4.73
C LYS A 168 -11.26 -10.27 -3.32
N PHE A 169 -10.31 -9.37 -3.00
CA PHE A 169 -10.35 -8.69 -1.71
C PHE A 169 -11.54 -7.74 -1.63
N ASN A 170 -11.78 -6.94 -2.68
CA ASN A 170 -12.94 -6.05 -2.71
C ASN A 170 -14.26 -6.79 -2.71
N ALA A 171 -14.29 -8.03 -3.17
CA ALA A 171 -15.52 -8.82 -3.14
C ALA A 171 -15.94 -9.14 -1.71
N LEU A 172 -15.01 -9.08 -0.75
CA LEU A 172 -15.39 -9.29 0.64
C LEU A 172 -16.15 -8.09 1.21
N GLU A 173 -16.09 -6.94 0.53
CA GLU A 173 -16.89 -5.78 0.90
C GLU A 173 -16.53 -5.26 2.29
N LEU A 174 -15.25 -5.22 2.60
CA LEU A 174 -14.81 -4.60 3.84
C LEU A 174 -14.99 -3.10 3.77
N ASP A 175 -15.15 -2.46 4.93
CA ASP A 175 -15.10 -1.00 4.99
C ASP A 175 -13.84 -0.57 5.74
N ASP A 176 -13.68 0.74 5.91
CA ASP A 176 -12.44 1.27 6.47
C ASP A 176 -12.24 0.81 7.92
N SER A 177 -13.33 0.63 8.68
CA SER A 177 -13.17 0.13 10.05
C SER A 177 -12.55 -1.27 10.05
N ASP A 178 -12.94 -2.11 9.07
CA ASP A 178 -12.35 -3.44 8.92
C ASP A 178 -10.89 -3.35 8.49
N ILE A 179 -10.64 -2.59 7.43
CA ILE A 179 -9.32 -2.51 6.82
C ILE A 179 -8.30 -1.99 7.82
N SER A 180 -8.67 -0.99 8.61
CA SER A 180 -7.73 -0.42 9.59
C SER A 180 -7.21 -1.50 10.53
N LEU A 181 -8.10 -2.39 11.00
CA LEU A 181 -7.67 -3.48 11.87
C LEU A 181 -6.83 -4.51 11.12
N PHE A 182 -7.20 -4.78 9.85
CA PHE A 182 -6.46 -5.73 9.03
C PHE A 182 -5.03 -5.27 8.81
N VAL A 183 -4.84 -3.98 8.55
CA VAL A 183 -3.50 -3.44 8.35
C VAL A 183 -2.70 -3.47 9.65
N ALA A 184 -3.35 -3.17 10.77
CA ALA A 184 -2.66 -3.28 12.05
C ALA A 184 -2.19 -4.72 12.29
N ALA A 185 -3.02 -5.71 11.93
CA ALA A 185 -2.67 -7.11 12.10
C ALA A 185 -1.51 -7.50 11.18
N ILE A 186 -1.49 -6.97 9.96
CA ILE A 186 -0.36 -7.19 9.05
C ILE A 186 0.93 -6.68 9.70
N ILE A 187 0.89 -5.47 10.26
CA ILE A 187 2.07 -4.85 10.82
C ILE A 187 2.54 -5.58 12.07
N CYS A 188 1.61 -5.92 12.97
CA CYS A 188 1.97 -6.54 14.24
C CYS A 188 1.94 -8.05 14.08
N CYS A 189 2.94 -8.54 13.33
CA CYS A 189 3.03 -9.94 12.92
C CYS A 189 4.28 -10.53 13.53
N GLY A 190 4.12 -11.54 14.39
CA GLY A 190 5.22 -12.12 15.14
C GLY A 190 6.08 -13.07 14.35
N ASP A 191 5.86 -13.15 13.05
CA ASP A 191 6.44 -14.15 12.18
C ASP A 191 7.60 -13.61 11.35
N ARG A 192 7.91 -12.33 11.49
CA ARG A 192 8.85 -11.70 10.58
C ARG A 192 10.27 -12.17 10.87
N PRO A 193 11.08 -12.41 9.83
CA PRO A 193 12.47 -12.83 10.05
C PRO A 193 13.21 -11.84 10.92
N GLY A 194 13.98 -12.36 11.87
CA GLY A 194 14.90 -11.53 12.64
C GLY A 194 14.27 -10.74 13.78
N LEU A 195 13.02 -11.01 14.12
CA LEU A 195 12.40 -10.34 15.26
C LEU A 195 13.05 -10.81 16.57
N LEU A 196 13.12 -9.88 17.53
CA LEU A 196 13.73 -10.16 18.84
C LEU A 196 12.66 -10.58 19.85
N ASN A 197 11.82 -9.64 20.26
CA ASN A 197 10.79 -9.93 21.26
C ASN A 197 9.61 -10.62 20.59
N VAL A 198 9.85 -11.88 20.21
CA VAL A 198 8.83 -12.64 19.48
C VAL A 198 7.59 -12.83 20.34
N GLY A 199 7.78 -13.26 21.59
CA GLY A 199 6.64 -13.58 22.44
C GLY A 199 5.73 -12.38 22.68
N HIS A 200 6.32 -11.21 22.92
CA HIS A 200 5.52 -10.01 23.15
C HIS A 200 4.80 -9.56 21.88
N ILE A 201 5.47 -9.66 20.72
CA ILE A 201 4.82 -9.27 19.47
C ILE A 201 3.72 -10.26 19.11
N GLU A 202 3.94 -11.55 19.38
CA GLU A 202 2.89 -12.52 19.16
C GLU A 202 1.66 -12.22 20.02
N LYS A 203 1.87 -11.65 21.22
CA LYS A 203 0.75 -11.27 22.06
C LYS A 203 0.09 -9.98 21.58
N MET A 204 0.88 -9.06 21.01
CA MET A 204 0.28 -7.90 20.36
C MET A 204 -0.53 -8.35 19.16
N GLN A 205 0.04 -9.25 18.35
CA GLN A 205 -0.68 -9.86 17.25
C GLN A 205 -1.97 -10.48 17.72
N GLU A 206 -1.89 -11.32 18.76
CA GLU A 206 -3.08 -11.98 19.28
C GLU A 206 -4.13 -10.97 19.72
N GLY A 207 -3.71 -9.89 20.39
CA GLY A 207 -4.66 -8.88 20.82
C GLY A 207 -5.35 -8.17 19.66
N ILE A 208 -4.58 -7.80 18.64
CA ILE A 208 -5.15 -7.11 17.49
C ILE A 208 -6.02 -8.05 16.67
N VAL A 209 -5.53 -9.28 16.46
CA VAL A 209 -6.30 -10.29 15.76
C VAL A 209 -7.60 -10.56 16.50
N HIS A 210 -7.56 -10.59 17.82
CA HIS A 210 -8.77 -10.79 18.60
C HIS A 210 -9.77 -9.65 18.36
N VAL A 211 -9.29 -8.40 18.42
CA VAL A 211 -10.16 -7.25 18.16
C VAL A 211 -10.71 -7.29 16.75
N LEU A 212 -9.88 -7.66 15.77
CA LEU A 212 -10.36 -7.88 14.41
C LEU A 212 -11.47 -8.93 14.39
N ARG A 213 -11.19 -10.11 14.95
CA ARG A 213 -12.20 -11.16 15.01
C ARG A 213 -13.51 -10.66 15.59
N LEU A 214 -13.45 -9.99 16.75
CA LEU A 214 -14.67 -9.47 17.35
C LEU A 214 -15.33 -8.44 16.46
N HIS A 215 -14.52 -7.60 15.80
CA HIS A 215 -15.06 -6.56 14.95
C HIS A 215 -15.77 -7.14 13.74
N LEU A 216 -15.16 -8.15 13.10
CA LEU A 216 -15.83 -8.76 11.95
C LEU A 216 -17.14 -9.42 12.36
N GLN A 217 -17.18 -9.99 13.56
CA GLN A 217 -18.42 -10.57 14.07
C GLN A 217 -19.50 -9.51 14.24
N SER A 218 -19.14 -8.32 14.73
CA SER A 218 -20.13 -7.26 14.90
C SER A 218 -20.53 -6.63 13.57
N ASN A 219 -19.54 -6.43 12.69
CA ASN A 219 -19.73 -5.63 11.49
C ASN A 219 -20.21 -6.45 10.30
N HIS A 220 -19.94 -7.75 10.30
CA HIS A 220 -20.25 -8.62 9.16
C HIS A 220 -20.98 -9.88 9.64
N PRO A 221 -22.10 -9.72 10.37
CA PRO A 221 -22.81 -10.91 10.86
C PRO A 221 -23.39 -11.77 9.74
N ASP A 222 -23.41 -11.26 8.51
CA ASP A 222 -23.87 -12.05 7.38
C ASP A 222 -22.82 -13.05 6.89
N ASP A 223 -21.55 -12.90 7.28
CA ASP A 223 -20.49 -13.81 6.83
C ASP A 223 -19.73 -14.28 8.07
N ILE A 224 -20.21 -15.36 8.68
CA ILE A 224 -19.56 -15.87 9.89
C ILE A 224 -18.23 -16.53 9.61
N PHE A 225 -17.83 -16.71 8.36
CA PHE A 225 -16.51 -17.24 8.04
C PHE A 225 -15.59 -16.19 7.45
N LEU A 226 -15.91 -14.90 7.63
CA LEU A 226 -15.10 -13.84 7.06
C LEU A 226 -13.68 -13.83 7.65
N PHE A 227 -13.54 -14.12 8.94
CA PHE A 227 -12.21 -14.05 9.55
C PHE A 227 -11.21 -15.03 8.93
N PRO A 228 -11.49 -16.33 8.82
CA PRO A 228 -10.51 -17.21 8.13
C PRO A 228 -10.25 -16.80 6.68
N LYS A 229 -11.25 -16.24 5.99
CA LYS A 229 -10.99 -15.70 4.66
C LYS A 229 -9.91 -14.63 4.71
N LEU A 230 -9.96 -13.76 5.72
CA LEU A 230 -8.99 -12.68 5.83
C LEU A 230 -7.63 -13.20 6.28
N LEU A 231 -7.59 -14.25 7.10
CA LEU A 231 -6.31 -14.89 7.39
C LEU A 231 -5.65 -15.38 6.11
N GLN A 232 -6.43 -16.01 5.23
CA GLN A 232 -5.89 -16.46 3.96
C GLN A 232 -5.38 -15.29 3.13
N LYS A 233 -6.08 -14.14 3.16
CA LYS A 233 -5.63 -12.97 2.41
C LYS A 233 -4.29 -12.47 2.92
N MET A 234 -4.01 -12.62 4.22
CA MET A 234 -2.70 -12.21 4.71
C MET A 234 -1.59 -13.08 4.12
N ALA A 235 -1.85 -14.38 3.99
CA ALA A 235 -0.89 -15.25 3.34
C ALA A 235 -0.76 -14.95 1.86
N ASP A 236 -1.89 -14.64 1.19
CA ASP A 236 -1.82 -14.23 -0.21
C ASP A 236 -0.96 -12.98 -0.36
N LEU A 237 -1.08 -12.04 0.57
CA LEU A 237 -0.34 -10.78 0.46
C LEU A 237 1.17 -11.03 0.62
N ARG A 238 1.55 -11.86 1.59
CA ARG A 238 2.97 -12.13 1.78
C ARG A 238 3.58 -12.74 0.53
N GLN A 239 2.83 -13.61 -0.16
CA GLN A 239 3.33 -14.18 -1.40
C GLN A 239 3.33 -13.15 -2.51
N LEU A 240 2.29 -12.32 -2.55
CA LEU A 240 2.24 -11.22 -3.51
C LEU A 240 3.45 -10.30 -3.37
N VAL A 241 3.89 -10.05 -2.13
CA VAL A 241 5.02 -9.15 -1.94
C VAL A 241 6.34 -9.82 -2.32
N THR A 242 6.51 -11.11 -2.01
CA THR A 242 7.75 -11.79 -2.37
C THR A 242 7.92 -11.83 -3.89
N GLU A 243 6.84 -12.08 -4.63
CA GLU A 243 6.91 -12.03 -6.08
C GLU A 243 7.13 -10.62 -6.60
N HIS A 244 6.47 -9.63 -5.99
CA HIS A 244 6.70 -8.24 -6.40
C HIS A 244 8.15 -7.86 -6.19
N ALA A 245 8.74 -8.23 -5.05
CA ALA A 245 10.13 -7.87 -4.77
C ALA A 245 11.08 -8.43 -5.81
N GLN A 246 10.75 -9.59 -6.38
CA GLN A 246 11.59 -10.13 -7.45
C GLN A 246 11.51 -9.26 -8.69
N LEU A 247 10.30 -8.81 -9.06
CA LEU A 247 10.18 -7.86 -10.15
C LEU A 247 10.94 -6.57 -9.87
N VAL A 248 10.88 -6.07 -8.63
CA VAL A 248 11.62 -4.86 -8.26
C VAL A 248 13.13 -5.07 -8.47
N GLN A 249 13.64 -6.25 -8.11
CA GLN A 249 15.08 -6.49 -8.26
C GLN A 249 15.47 -6.54 -9.74
N ILE A 250 14.63 -7.12 -10.58
CA ILE A 250 14.89 -7.11 -12.02
C ILE A 250 15.03 -5.68 -12.51
N ILE A 251 14.10 -4.81 -12.11
CA ILE A 251 14.12 -3.42 -12.54
C ILE A 251 15.32 -2.69 -11.96
N LYS A 252 15.67 -2.96 -10.70
CA LYS A 252 16.83 -2.30 -10.09
C LYS A 252 18.11 -2.69 -10.81
N LYS A 253 18.20 -3.93 -11.28
CA LYS A 253 19.42 -4.42 -11.92
C LYS A 253 19.51 -4.04 -13.40
N THR A 254 18.40 -4.10 -14.12
CA THR A 254 18.42 -4.03 -15.58
C THR A 254 17.81 -2.75 -16.17
N GLU A 255 17.24 -1.88 -15.35
CA GLU A 255 16.58 -0.67 -15.85
C GLU A 255 17.36 0.54 -15.35
N SER A 256 18.25 1.05 -16.21
CA SER A 256 19.15 2.12 -15.83
C SER A 256 18.40 3.38 -15.44
N ASP A 257 17.36 3.75 -16.20
CA ASP A 257 16.63 4.98 -15.97
C ASP A 257 15.59 4.88 -14.85
N ALA A 258 15.44 3.72 -14.22
CA ALA A 258 14.45 3.54 -13.16
C ALA A 258 15.18 3.56 -11.81
N ALA A 259 15.52 4.76 -11.37
CA ALA A 259 16.29 4.92 -10.13
C ALA A 259 15.37 4.75 -8.93
N LEU A 260 15.64 3.71 -8.14
CA LEU A 260 14.82 3.40 -6.99
C LEU A 260 15.07 4.39 -5.86
N HIS A 261 13.99 4.85 -5.23
CA HIS A 261 14.12 5.76 -4.10
C HIS A 261 14.92 5.08 -2.98
N PRO A 262 15.81 5.79 -2.29
CA PRO A 262 16.63 5.14 -1.27
C PRO A 262 15.83 4.52 -0.13
N LEU A 263 14.66 5.07 0.18
CA LEU A 263 13.85 4.44 1.22
C LEU A 263 13.32 3.09 0.75
N LEU A 264 12.90 2.99 -0.51
CA LEU A 264 12.43 1.70 -1.01
C LEU A 264 13.57 0.73 -1.21
N GLN A 265 14.74 1.22 -1.62
CA GLN A 265 15.88 0.32 -1.74
C GLN A 265 16.24 -0.27 -0.39
N GLU A 266 16.14 0.53 0.68
CA GLU A 266 16.43 0.02 2.01
C GLU A 266 15.41 -1.02 2.45
N ILE A 267 14.13 -0.81 2.11
CA ILE A 267 13.09 -1.76 2.49
C ILE A 267 13.28 -3.08 1.75
N TYR A 268 13.51 -3.02 0.44
CA TYR A 268 13.64 -4.25 -0.33
C TYR A 268 14.96 -4.97 -0.06
N ARG A 269 16.00 -4.27 0.37
CA ARG A 269 17.31 -4.88 0.57
C ARG A 269 17.23 -5.92 1.69
N ASP A 270 17.67 -7.14 1.38
CA ASP A 270 17.76 -8.24 2.35
C ASP A 270 16.38 -8.65 2.85
N MET A 271 15.37 -8.46 1.99
CA MET A 271 14.01 -8.93 2.26
C MET A 271 13.72 -10.21 1.47
N PRO B 7 22.62 5.27 10.53
CA PRO B 7 21.24 5.74 10.72
C PRO B 7 20.36 5.55 9.49
N SER B 8 19.66 4.42 9.42
CA SER B 8 18.87 4.08 8.24
C SER B 8 17.64 4.98 8.13
N LEU B 9 17.03 4.96 6.94
CA LEU B 9 15.90 5.86 6.66
C LEU B 9 14.64 5.44 7.40
N LEU B 10 14.39 4.13 7.49
CA LEU B 10 13.25 3.66 8.29
C LEU B 10 13.41 4.04 9.75
N LYS B 11 14.62 3.90 10.29
CA LYS B 11 14.86 4.35 11.66
C LYS B 11 14.59 5.83 11.81
N LYS B 12 14.98 6.63 10.81
CA LYS B 12 14.69 8.07 10.85
C LYS B 12 13.20 8.33 10.97
N LEU B 13 12.40 7.60 10.18
CA LEU B 13 10.96 7.74 10.27
C LEU B 13 10.46 7.37 11.66
N LEU B 14 10.97 6.26 12.20
CA LEU B 14 10.52 5.80 13.52
C LEU B 14 10.99 6.71 14.65
N LEU B 15 12.17 7.32 14.52
CA LEU B 15 12.68 8.21 15.56
C LEU B 15 12.05 9.59 15.52
N ALA B 16 11.11 9.83 14.60
CA ALA B 16 10.43 11.12 14.55
C ALA B 16 9.76 11.41 15.89
N PRO B 17 9.75 12.68 16.34
CA PRO B 17 9.15 13.20 17.58
C PRO B 17 7.92 12.43 18.10
#